data_5ZY6
#
_entry.id   5ZY6
#
_cell.length_a   71.265
_cell.length_b   78.858
_cell.length_c   102.781
_cell.angle_alpha   90.00
_cell.angle_beta   90.00
_cell.angle_gamma   90.00
#
_symmetry.space_group_name_H-M   'P 21 21 21'
#
loop_
_entity.id
_entity.type
_entity.pdbx_description
1 polymer 'Probable catechol O-methyltransferase 1'
2 non-polymer S-ADENOSYLMETHIONINE
3 water water
#
_entity_poly.entity_id   1
_entity_poly.type   'polypeptide(L)'
_entity_poly.pdbx_seq_one_letter_code
;HHHHHHHHMPHMEDNGSEKEQLFLQHIQNLPQERLDAIRGHPELVLKEIDEFTYPDGSGVRMCIGDVKGGFIVGKIRERK
PKIMVELGGYLGYSAILFGNEISKIPGGRYYSLEVNEDYAKIAYELVKLAGLDEIVTIMIGKACDSLVELQQKLLHKDLG
FQALDMVFIDHWKDLYVPDLRVIESLNMIAPGTLLVADNIITPGAPEYHKYVNMSPEERRGYQAKVRNVNGFDFIGRWDL
IYKTETKEFEGVIRNKHRKDAVDVTECVGYAKKD
;
_entity_poly.pdbx_strand_id   A,B
#
# COMPACT_ATOMS: atom_id res chain seq x y z
N GLU A 18 5.66 -8.36 6.06
CA GLU A 18 6.75 -8.84 5.21
C GLU A 18 7.91 -9.32 6.08
N LYS A 19 8.98 -8.53 6.08
CA LYS A 19 10.05 -8.64 7.06
C LYS A 19 9.44 -8.71 8.46
N GLU A 20 8.48 -7.83 8.70
CA GLU A 20 7.89 -7.66 10.02
C GLU A 20 7.20 -8.93 10.51
N GLN A 21 6.68 -9.74 9.57
CA GLN A 21 6.09 -11.03 9.90
C GLN A 21 7.12 -12.02 10.48
N LEU A 22 8.35 -11.97 9.96
CA LEU A 22 9.45 -12.77 10.50
C LEU A 22 9.67 -12.41 11.96
N PHE A 23 9.65 -11.12 12.26
CA PHE A 23 9.85 -10.71 13.64
C PHE A 23 8.72 -11.23 14.53
N LEU A 24 7.48 -11.10 14.08
CA LEU A 24 6.35 -11.63 14.85
C LEU A 24 6.46 -13.15 15.08
N GLN A 25 6.79 -13.88 14.02
CA GLN A 25 7.02 -15.33 14.11
C GLN A 25 8.10 -15.67 15.14
N HIS A 26 9.19 -14.90 15.13
CA HIS A 26 10.25 -15.07 16.13
C HIS A 26 9.70 -14.99 17.55
N ILE A 27 8.93 -13.94 17.84
CA ILE A 27 8.39 -13.75 19.18
C ILE A 27 7.43 -14.87 19.55
N GLN A 28 6.57 -15.24 18.62
CA GLN A 28 5.59 -16.27 18.90
C GLN A 28 6.21 -17.65 19.08
N ASN A 29 7.35 -17.89 18.43
CA ASN A 29 8.07 -19.17 18.54
C ASN A 29 9.12 -19.20 19.66
N LEU A 30 9.19 -18.16 20.48
CA LEU A 30 10.06 -18.20 21.66
C LEU A 30 9.57 -19.32 22.58
N PRO A 31 10.50 -19.99 23.29
CA PRO A 31 10.10 -21.03 24.24
C PRO A 31 9.20 -20.47 25.34
N GLN A 32 8.38 -21.32 25.95
CA GLN A 32 7.45 -20.87 26.97
C GLN A 32 8.16 -20.22 28.15
N GLU A 33 9.31 -20.77 28.53
CA GLU A 33 10.07 -20.21 29.64
C GLU A 33 10.48 -18.76 29.36
N ARG A 34 10.82 -18.46 28.11
CA ARG A 34 11.21 -17.09 27.74
C ARG A 34 10.00 -16.16 27.74
N LEU A 35 8.90 -16.60 27.15
CA LEU A 35 7.66 -15.82 27.18
C LEU A 35 7.24 -15.58 28.63
N ASP A 36 7.31 -16.62 29.47
CA ASP A 36 6.95 -16.45 30.88
C ASP A 36 7.90 -15.47 31.56
N ALA A 37 9.15 -15.46 31.13
CA ALA A 37 10.14 -14.57 31.75
C ALA A 37 9.88 -13.10 31.45
N ILE A 38 9.43 -12.79 30.24
CA ILE A 38 9.32 -11.39 29.83
C ILE A 38 7.87 -10.85 29.89
N ARG A 39 6.90 -11.75 30.04
CA ARG A 39 5.50 -11.35 30.03
C ARG A 39 5.25 -10.34 31.15
N GLY A 40 4.61 -9.23 30.80
CA GLY A 40 4.30 -8.18 31.77
C GLY A 40 5.50 -7.34 32.15
N HIS A 41 6.62 -7.48 31.43
CA HIS A 41 7.79 -6.65 31.71
C HIS A 41 8.22 -5.87 30.47
N PRO A 42 7.66 -4.65 30.29
CA PRO A 42 7.88 -3.81 29.10
C PRO A 42 9.35 -3.68 28.72
N GLU A 43 10.21 -3.41 29.70
CA GLU A 43 11.62 -3.26 29.44
C GLU A 43 12.23 -4.52 28.82
N LEU A 44 11.79 -5.69 29.28
CA LEU A 44 12.31 -6.95 28.75
C LEU A 44 11.80 -7.22 27.35
N VAL A 45 10.54 -6.84 27.09
CA VAL A 45 9.96 -7.02 25.75
C VAL A 45 10.68 -6.08 24.79
N LEU A 46 10.99 -4.87 25.23
CA LEU A 46 11.75 -3.93 24.39
C LEU A 46 13.12 -4.52 24.03
N LYS A 47 13.77 -5.18 24.99
CA LYS A 47 15.07 -5.77 24.72
C LYS A 47 15.01 -6.91 23.70
N GLU A 48 13.92 -7.70 23.71
CA GLU A 48 13.78 -8.74 22.68
C GLU A 48 13.68 -8.11 21.30
N ILE A 49 13.03 -6.94 21.21
CA ILE A 49 12.92 -6.22 19.95
C ILE A 49 14.29 -5.66 19.52
N ASP A 50 15.00 -5.08 20.47
CA ASP A 50 16.31 -4.47 20.18
C ASP A 50 17.35 -5.50 19.74
N GLU A 51 17.26 -6.72 20.24
CA GLU A 51 18.33 -7.70 20.01
C GLU A 51 18.05 -8.68 18.87
N PHE A 52 16.87 -8.60 18.27
CA PHE A 52 16.56 -9.42 17.10
C PHE A 52 17.39 -9.04 15.85
N THR A 53 17.79 -10.03 15.07
CA THR A 53 18.45 -9.74 13.82
C THR A 53 17.80 -10.51 12.70
N TYR A 54 17.50 -9.80 11.61
CA TYR A 54 16.96 -10.42 10.42
C TYR A 54 18.01 -11.32 9.75
N PRO A 55 17.56 -12.19 8.84
CA PRO A 55 18.54 -13.06 8.15
C PRO A 55 19.72 -12.31 7.52
N ASP A 56 19.46 -11.13 6.96
CA ASP A 56 20.51 -10.35 6.29
C ASP A 56 21.43 -9.61 7.27
N GLY A 57 21.19 -9.79 8.57
CA GLY A 57 22.02 -9.20 9.60
C GLY A 57 21.54 -7.86 10.18
N SER A 58 20.50 -7.27 9.59
CA SER A 58 19.93 -6.01 10.08
C SER A 58 18.95 -6.18 11.25
N GLY A 59 18.61 -5.08 11.89
CA GLY A 59 17.69 -5.10 13.02
C GLY A 59 16.32 -4.51 12.73
N VAL A 60 15.41 -4.60 13.69
CA VAL A 60 14.11 -3.97 13.55
C VAL A 60 14.34 -2.48 13.39
N ARG A 61 13.75 -1.90 12.35
CA ARG A 61 13.92 -0.48 12.03
C ARG A 61 12.93 0.44 12.72
N MET A 62 13.17 1.75 12.59
CA MET A 62 12.24 2.85 12.93
C MET A 62 11.76 2.96 14.37
N CYS A 63 12.36 2.16 15.25
CA CYS A 63 12.03 2.24 16.67
C CYS A 63 12.71 3.46 17.30
N ILE A 64 12.00 4.11 18.23
CA ILE A 64 12.45 5.37 18.82
C ILE A 64 13.82 5.22 19.50
N GLY A 65 14.11 4.05 20.04
CA GLY A 65 15.46 3.84 20.55
C GLY A 65 15.75 4.37 21.94
N ASP A 66 16.89 3.95 22.47
CA ASP A 66 17.29 4.16 23.86
C ASP A 66 17.54 5.60 24.30
N VAL A 67 18.26 6.37 23.48
CA VAL A 67 18.69 7.71 23.89
C VAL A 67 17.59 8.77 23.76
N LYS A 68 16.90 8.81 22.61
CA LYS A 68 15.78 9.71 22.43
C LYS A 68 14.66 9.27 23.37
N GLY A 69 14.44 7.96 23.41
CA GLY A 69 13.46 7.36 24.28
C GLY A 69 13.61 7.78 25.73
N GLY A 70 14.84 7.73 26.24
CA GLY A 70 15.11 8.15 27.61
C GLY A 70 14.75 9.61 27.84
N PHE A 71 15.08 10.45 26.86
CA PHE A 71 14.75 11.87 26.95
C PHE A 71 13.24 12.07 27.07
N ILE A 72 12.48 11.35 26.25
CA ILE A 72 11.04 11.52 26.24
C ILE A 72 10.42 10.94 27.52
N VAL A 73 10.95 9.80 27.97
CA VAL A 73 10.54 9.20 29.23
C VAL A 73 10.68 10.22 30.37
N GLY A 74 11.79 10.96 30.37
CA GLY A 74 12.00 12.03 31.35
C GLY A 74 10.87 13.06 31.32
N LYS A 75 10.44 13.45 30.12
CA LYS A 75 9.36 14.43 30.01
C LYS A 75 8.05 13.90 30.56
N ILE A 76 7.78 12.61 30.30
CA ILE A 76 6.58 11.99 30.81
C ILE A 76 6.60 11.92 32.36
N ARG A 77 7.75 11.55 32.95
CA ARG A 77 7.83 11.47 34.41
C ARG A 77 7.69 12.85 35.04
N GLU A 78 8.24 13.87 34.39
CA GLU A 78 8.11 15.25 34.90
C GLU A 78 6.69 15.78 34.82
N ARG A 79 6.04 15.56 33.68
CA ARG A 79 4.78 16.26 33.41
C ARG A 79 3.56 15.40 33.72
N LYS A 80 3.77 14.10 33.92
CA LYS A 80 2.67 13.20 34.26
C LYS A 80 1.46 13.35 33.35
N PRO A 81 1.65 13.23 32.02
CA PRO A 81 0.48 13.38 31.15
C PRO A 81 -0.56 12.28 31.40
N LYS A 82 -1.84 12.62 31.45
CA LYS A 82 -2.89 11.61 31.64
C LYS A 82 -3.35 11.02 30.32
N ILE A 83 -3.35 11.84 29.27
CA ILE A 83 -3.70 11.40 27.92
C ILE A 83 -2.53 11.66 26.99
N MET A 84 -1.92 10.59 26.48
CA MET A 84 -0.81 10.72 25.54
C MET A 84 -1.15 10.02 24.24
N VAL A 85 -0.83 10.66 23.13
CA VAL A 85 -1.12 10.14 21.80
C VAL A 85 0.16 10.08 20.99
N GLU A 86 0.39 8.99 20.25
CA GLU A 86 1.49 9.01 19.29
C GLU A 86 0.96 8.89 17.85
N LEU A 87 1.56 9.64 16.93
CA LEU A 87 1.23 9.45 15.52
C LEU A 87 2.30 8.57 14.89
N GLY A 88 1.92 7.33 14.56
CA GLY A 88 2.85 6.34 13.98
C GLY A 88 3.37 5.35 15.02
N GLY A 89 2.94 4.10 14.94
CA GLY A 89 3.26 3.10 15.95
C GLY A 89 4.26 2.02 15.54
N TYR A 90 4.32 1.76 14.25
CA TYR A 90 5.06 0.63 13.69
C TYR A 90 4.78 -0.67 14.45
N LEU A 91 5.81 -1.23 15.07
CA LEU A 91 5.68 -2.56 15.67
C LEU A 91 5.50 -2.47 17.20
N GLY A 92 5.28 -1.27 17.73
CA GLY A 92 4.88 -1.15 19.13
C GLY A 92 5.96 -0.71 20.10
N TYR A 93 7.18 -0.50 19.61
CA TYR A 93 8.30 -0.14 20.49
C TYR A 93 8.06 1.12 21.32
N SER A 94 7.67 2.21 20.68
CA SER A 94 7.45 3.43 21.45
C SER A 94 6.19 3.30 22.33
N ALA A 95 5.15 2.65 21.82
CA ALA A 95 3.94 2.45 22.62
C ALA A 95 4.22 1.69 23.92
N ILE A 96 5.14 0.74 23.84
CA ILE A 96 5.53 -0.04 24.99
C ILE A 96 6.39 0.78 25.94
N LEU A 97 7.39 1.48 25.39
CA LEU A 97 8.30 2.29 26.19
C LEU A 97 7.56 3.40 26.93
N PHE A 98 6.71 4.13 26.20
CA PHE A 98 6.02 5.27 26.79
C PHE A 98 4.74 4.82 27.49
N GLY A 99 4.08 3.79 26.95
CA GLY A 99 2.91 3.23 27.62
C GLY A 99 3.27 2.73 29.01
N ASN A 100 4.46 2.14 29.15
CA ASN A 100 4.94 1.74 30.47
C ASN A 100 5.00 2.93 31.41
N GLU A 101 5.43 4.08 30.91
CA GLU A 101 5.49 5.26 31.76
C GLU A 101 4.09 5.72 32.12
N ILE A 102 3.18 5.66 31.14
CA ILE A 102 1.79 6.05 31.36
C ILE A 102 1.12 5.16 32.41
N SER A 103 1.54 3.90 32.48
CA SER A 103 1.08 2.98 33.53
C SER A 103 1.23 3.54 34.92
N LYS A 104 2.33 4.23 35.16
CA LYS A 104 2.65 4.72 36.49
C LYS A 104 1.78 5.90 36.88
N ILE A 105 1.07 6.45 35.90
CA ILE A 105 0.24 7.63 36.09
C ILE A 105 -1.24 7.28 36.20
N PRO A 106 -1.84 7.52 37.38
CA PRO A 106 -3.24 7.19 37.66
C PRO A 106 -4.17 7.76 36.58
N GLY A 107 -5.13 6.96 36.11
CA GLY A 107 -6.03 7.39 35.05
C GLY A 107 -5.39 7.52 33.66
N GLY A 108 -4.08 7.29 33.57
CA GLY A 108 -3.34 7.47 32.33
C GLY A 108 -3.76 6.56 31.19
N ARG A 109 -3.85 7.12 29.98
CA ARG A 109 -4.17 6.35 28.77
C ARG A 109 -3.21 6.67 27.63
N TYR A 110 -2.87 5.66 26.84
CA TYR A 110 -1.98 5.83 25.70
C TYR A 110 -2.67 5.41 24.40
N TYR A 111 -2.64 6.31 23.41
CA TYR A 111 -3.26 6.01 22.12
C TYR A 111 -2.21 6.02 21.03
N SER A 112 -2.14 4.91 20.30
CA SER A 112 -1.20 4.79 19.19
C SER A 112 -1.97 4.76 17.87
N LEU A 113 -1.69 5.71 16.99
CA LEU A 113 -2.44 5.82 15.74
C LEU A 113 -1.57 5.36 14.57
N GLU A 114 -1.87 4.16 14.06
CA GLU A 114 -1.07 3.52 13.04
C GLU A 114 -1.88 3.21 11.78
N VAL A 115 -1.35 3.59 10.62
CA VAL A 115 -2.09 3.43 9.36
C VAL A 115 -2.01 2.01 8.79
N ASN A 116 -0.87 1.34 8.99
CA ASN A 116 -0.65 -0.01 8.45
C ASN A 116 -1.25 -1.06 9.37
N GLU A 117 -2.30 -1.72 8.88
CA GLU A 117 -3.01 -2.73 9.69
C GLU A 117 -2.09 -3.90 10.07
N ASP A 118 -1.21 -4.30 9.15
CA ASP A 118 -0.31 -5.41 9.43
C ASP A 118 0.63 -5.02 10.58
N TYR A 119 1.19 -3.82 10.51
CA TYR A 119 2.04 -3.34 11.61
C TYR A 119 1.27 -3.30 12.93
N ALA A 120 0.08 -2.69 12.90
CA ALA A 120 -0.74 -2.53 14.09
C ALA A 120 -1.05 -3.86 14.78
N LYS A 121 -1.33 -4.88 13.99
CA LYS A 121 -1.65 -6.20 14.53
C LYS A 121 -0.45 -6.79 15.30
N ILE A 122 0.74 -6.56 14.76
CA ILE A 122 1.98 -7.02 15.40
C ILE A 122 2.20 -6.23 16.69
N ALA A 123 2.09 -4.91 16.60
CA ALA A 123 2.20 -4.05 17.78
C ALA A 123 1.21 -4.48 18.85
N TYR A 124 -0.01 -4.80 18.47
CA TYR A 124 -1.01 -5.25 19.43
C TYR A 124 -0.52 -6.44 20.26
N GLU A 125 0.12 -7.42 19.62
CA GLU A 125 0.61 -8.60 20.33
C GLU A 125 1.77 -8.27 21.27
N LEU A 126 2.66 -7.39 20.82
CA LEU A 126 3.82 -7.02 21.62
C LEU A 126 3.40 -6.18 22.82
N VAL A 127 2.46 -5.26 22.59
CA VAL A 127 1.89 -4.46 23.67
C VAL A 127 1.19 -5.35 24.71
N LYS A 128 0.40 -6.33 24.24
CA LYS A 128 -0.25 -7.29 25.14
C LYS A 128 0.77 -8.14 25.92
N LEU A 129 1.77 -8.67 25.23
CA LEU A 129 2.82 -9.43 25.90
C LEU A 129 3.51 -8.60 26.97
N ALA A 130 3.63 -7.30 26.72
CA ALA A 130 4.25 -6.38 27.69
C ALA A 130 3.36 -6.11 28.90
N GLY A 131 2.11 -6.60 28.86
CA GLY A 131 1.17 -6.40 29.96
C GLY A 131 0.45 -5.05 29.90
N LEU A 132 0.48 -4.40 28.74
CA LEU A 132 -0.02 -3.03 28.67
C LEU A 132 -1.36 -2.88 27.94
N ASP A 133 -2.06 -3.99 27.74
CA ASP A 133 -3.32 -3.99 26.98
C ASP A 133 -4.42 -3.08 27.55
N GLU A 134 -4.50 -2.94 28.87
CA GLU A 134 -5.55 -2.09 29.47
C GLU A 134 -5.23 -0.60 29.38
N ILE A 135 -3.99 -0.27 29.05
CA ILE A 135 -3.51 1.12 29.07
C ILE A 135 -3.31 1.70 27.67
N VAL A 136 -2.88 0.85 26.76
CA VAL A 136 -2.55 1.24 25.40
C VAL A 136 -3.64 0.83 24.43
N THR A 137 -4.13 1.80 23.65
CA THR A 137 -5.11 1.52 22.61
C THR A 137 -4.54 1.86 21.24
N ILE A 138 -4.52 0.87 20.34
CA ILE A 138 -4.01 1.10 19.01
C ILE A 138 -5.16 1.40 18.06
N MET A 139 -5.11 2.55 17.40
CA MET A 139 -6.16 2.92 16.44
C MET A 139 -5.60 2.75 15.04
N ILE A 140 -6.30 1.94 14.25
CA ILE A 140 -5.85 1.62 12.91
C ILE A 140 -6.48 2.58 11.91
N GLY A 141 -5.66 3.18 11.06
CA GLY A 141 -6.15 4.09 10.03
C GLY A 141 -5.24 5.29 9.93
N LYS A 142 -5.54 6.20 9.01
CA LYS A 142 -4.81 7.45 8.91
C LYS A 142 -4.99 8.27 10.17
N ALA A 143 -3.90 8.87 10.65
CA ALA A 143 -3.93 9.66 11.88
C ALA A 143 -5.03 10.72 11.84
N CYS A 144 -5.18 11.40 10.70
CA CYS A 144 -6.20 12.45 10.63
C CYS A 144 -7.60 11.86 10.87
N ASP A 145 -7.87 10.68 10.33
CA ASP A 145 -9.19 10.07 10.55
C ASP A 145 -9.36 9.62 12.00
N SER A 146 -8.33 8.98 12.54
CA SER A 146 -8.43 8.47 13.91
C SER A 146 -8.53 9.61 14.93
N LEU A 147 -7.90 10.73 14.64
CA LEU A 147 -7.97 11.86 15.57
C LEU A 147 -9.40 12.38 15.69
N VAL A 148 -10.11 12.44 14.55
CA VAL A 148 -11.51 12.85 14.56
C VAL A 148 -12.32 11.91 15.46
N GLU A 149 -12.09 10.61 15.29
CA GLU A 149 -12.78 9.61 16.11
C GLU A 149 -12.39 9.73 17.58
N LEU A 150 -11.09 9.89 17.86
CA LEU A 150 -10.60 10.03 19.23
C LEU A 150 -11.28 11.20 19.94
N GLN A 151 -11.47 12.29 19.20
CA GLN A 151 -12.14 13.46 19.74
C GLN A 151 -13.55 13.08 20.20
N GLN A 152 -14.27 12.29 19.40
CA GLN A 152 -15.61 11.86 19.80
C GLN A 152 -15.56 11.06 21.10
N LYS A 153 -14.54 10.22 21.24
CA LYS A 153 -14.39 9.36 22.41
C LYS A 153 -13.99 10.11 23.67
N LEU A 154 -13.24 11.19 23.49
CA LEU A 154 -12.79 12.01 24.62
C LEU A 154 -13.81 13.06 25.06
N LEU A 155 -14.68 13.51 24.16
CA LEU A 155 -15.73 14.46 24.55
C LEU A 155 -16.58 13.91 25.70
N HIS A 156 -16.78 12.59 25.68
CA HIS A 156 -17.56 11.90 26.70
C HIS A 156 -16.84 11.88 28.05
N GLN A 162 -10.73 15.69 26.69
CA GLN A 162 -11.10 16.83 25.85
C GLN A 162 -9.86 17.28 25.07
N ALA A 163 -8.83 17.77 25.79
CA ALA A 163 -7.57 18.15 25.11
C ALA A 163 -6.52 17.11 25.44
N LEU A 164 -5.52 16.94 24.56
CA LEU A 164 -4.44 15.99 24.81
C LEU A 164 -3.34 16.57 25.69
N ASP A 165 -2.76 15.75 26.56
CA ASP A 165 -1.67 16.22 27.41
C ASP A 165 -0.29 16.12 26.73
N MET A 166 -0.05 15.04 26.00
CA MET A 166 1.24 14.92 25.31
C MET A 166 1.03 14.19 23.99
N VAL A 167 1.74 14.64 22.96
CA VAL A 167 1.65 14.05 21.62
C VAL A 167 3.04 13.75 21.08
N PHE A 168 3.27 12.48 20.72
CA PHE A 168 4.52 12.05 20.08
C PHE A 168 4.26 11.93 18.58
N ILE A 169 4.89 12.79 17.80
CA ILE A 169 4.66 12.80 16.37
C ILE A 169 5.82 12.10 15.66
N ASP A 170 5.51 10.96 15.05
CA ASP A 170 6.54 10.03 14.59
C ASP A 170 6.14 9.24 13.33
N HIS A 171 5.29 9.80 12.49
CA HIS A 171 4.89 9.09 11.28
C HIS A 171 5.56 9.72 10.06
N TRP A 172 4.85 9.85 8.94
CA TRP A 172 5.49 10.39 7.74
C TRP A 172 5.68 11.91 7.86
N LYS A 173 6.89 12.36 7.58
CA LYS A 173 7.31 13.74 7.79
C LYS A 173 6.40 14.77 7.10
N ASP A 174 5.85 14.39 5.94
CA ASP A 174 5.02 15.27 5.15
C ASP A 174 3.64 15.46 5.79
N LEU A 175 3.35 14.64 6.80
CA LEU A 175 2.08 14.75 7.49
C LEU A 175 2.19 15.41 8.86
N TYR A 176 3.39 15.85 9.26
CA TYR A 176 3.58 16.47 10.58
C TYR A 176 2.68 17.70 10.73
N VAL A 177 2.84 18.69 9.85
CA VAL A 177 2.02 19.90 9.96
C VAL A 177 0.53 19.66 9.62
N PRO A 178 0.23 18.93 8.52
CA PRO A 178 -1.19 18.63 8.29
C PRO A 178 -1.89 17.96 9.48
N ASP A 179 -1.26 16.98 10.11
CA ASP A 179 -1.92 16.30 11.21
C ASP A 179 -1.90 17.14 12.50
N LEU A 180 -0.82 17.90 12.72
CA LEU A 180 -0.83 18.86 13.83
C LEU A 180 -2.00 19.86 13.69
N ARG A 181 -2.22 20.34 12.47
CA ARG A 181 -3.30 21.30 12.23
C ARG A 181 -4.66 20.67 12.48
N VAL A 182 -4.77 19.37 12.19
CA VAL A 182 -5.98 18.61 12.55
C VAL A 182 -6.18 18.61 14.07
N ILE A 183 -5.11 18.30 14.82
CA ILE A 183 -5.18 18.30 16.28
C ILE A 183 -5.63 19.66 16.81
N GLU A 184 -5.02 20.71 16.27
CA GLU A 184 -5.38 22.08 16.63
C GLU A 184 -6.84 22.39 16.37
N SER A 185 -7.30 22.04 15.17
CA SER A 185 -8.65 22.27 14.73
C SER A 185 -9.69 21.54 15.59
N LEU A 186 -9.31 20.38 16.11
CA LEU A 186 -10.20 19.60 16.97
C LEU A 186 -10.15 20.03 18.43
N ASN A 187 -9.49 21.17 18.69
CA ASN A 187 -9.32 21.69 20.05
C ASN A 187 -8.66 20.67 20.99
N MET A 188 -7.71 19.91 20.45
CA MET A 188 -7.02 18.91 21.23
C MET A 188 -5.69 19.47 21.75
N ILE A 189 -5.42 20.74 21.45
CA ILE A 189 -4.26 21.40 22.03
C ILE A 189 -4.71 22.54 22.92
N ALA A 190 -4.21 22.54 24.16
CA ALA A 190 -4.57 23.52 25.16
C ALA A 190 -3.33 23.84 25.98
N PRO A 191 -3.36 24.90 26.79
CA PRO A 191 -2.21 25.18 27.65
C PRO A 191 -1.82 24.00 28.48
N GLY A 192 -0.53 23.66 28.49
CA GLY A 192 -0.07 22.45 29.17
C GLY A 192 0.21 21.28 28.23
N THR A 193 -0.36 21.33 27.03
CA THR A 193 -0.09 20.29 26.02
C THR A 193 1.34 20.34 25.52
N LEU A 194 2.02 19.19 25.53
CA LEU A 194 3.38 19.09 24.99
C LEU A 194 3.44 18.26 23.72
N LEU A 195 4.16 18.77 22.71
CA LEU A 195 4.39 18.06 21.45
C LEU A 195 5.86 17.64 21.35
N VAL A 196 6.10 16.37 21.03
CA VAL A 196 7.45 15.87 20.81
C VAL A 196 7.51 15.30 19.40
N ALA A 197 8.26 15.96 18.52
CA ALA A 197 8.32 15.53 17.12
C ALA A 197 9.70 14.94 16.81
N ASP A 198 9.71 13.74 16.24
CA ASP A 198 10.94 13.02 15.97
C ASP A 198 11.59 13.37 14.62
N ASN A 199 12.89 13.08 14.52
CA ASN A 199 13.63 13.14 13.25
C ASN A 199 13.62 14.54 12.62
N ILE A 200 13.88 15.54 13.44
CA ILE A 200 13.81 16.94 13.00
C ILE A 200 14.91 17.21 11.98
N ILE A 201 16.04 16.51 12.15
CA ILE A 201 17.17 16.63 11.24
C ILE A 201 17.21 15.51 10.19
N THR A 202 17.02 14.27 10.63
CA THR A 202 17.18 13.11 9.74
C THR A 202 15.92 12.24 9.68
N PRO A 203 15.28 12.15 8.49
CA PRO A 203 15.60 12.83 7.23
C PRO A 203 15.34 14.34 7.30
N GLY A 204 14.50 14.75 8.25
CA GLY A 204 14.20 16.14 8.45
C GLY A 204 12.71 16.44 8.36
N ALA A 205 12.27 17.42 9.14
CA ALA A 205 10.92 17.95 9.00
C ALA A 205 10.99 19.47 9.11
N PRO A 206 11.48 20.11 8.06
CA PRO A 206 11.74 21.56 8.11
C PRO A 206 10.46 22.38 8.17
N GLU A 207 9.43 21.92 7.48
CA GLU A 207 8.13 22.57 7.50
C GLU A 207 7.57 22.62 8.92
N TYR A 208 7.58 21.47 9.59
CA TYR A 208 7.12 21.39 10.96
C TYR A 208 7.94 22.29 11.85
N HIS A 209 9.28 22.22 11.73
CA HIS A 209 10.17 23.01 12.57
C HIS A 209 9.88 24.50 12.42
N LYS A 210 9.54 24.91 11.20
CA LYS A 210 9.16 26.28 10.91
C LYS A 210 7.83 26.64 11.61
N TYR A 211 6.82 25.80 11.42
CA TYR A 211 5.50 25.99 12.00
C TYR A 211 5.48 26.21 13.51
N VAL A 212 6.14 25.34 14.27
CA VAL A 212 6.06 25.40 15.73
C VAL A 212 6.95 26.52 16.31
N ASN A 213 7.77 27.15 15.48
CA ASN A 213 8.54 28.31 15.91
C ASN A 213 7.90 29.64 15.44
N MET A 214 6.84 29.53 14.65
CA MET A 214 6.07 30.70 14.21
C MET A 214 5.26 31.32 15.34
N SER A 215 5.09 32.64 15.29
CA SER A 215 4.19 33.34 16.19
C SER A 215 2.73 33.01 15.84
N PRO A 216 1.80 33.34 16.74
CA PRO A 216 0.37 33.17 16.40
C PRO A 216 -0.04 33.88 15.12
N GLU A 217 0.46 35.10 14.93
CA GLU A 217 0.15 35.88 13.74
C GLU A 217 0.68 35.21 12.50
N GLU A 218 1.91 34.71 12.61
CA GLU A 218 2.52 33.99 11.49
C GLU A 218 1.72 32.73 11.15
N ARG A 219 1.29 31.99 12.17
CA ARG A 219 0.53 30.77 11.91
C ARG A 219 -0.85 31.08 11.34
N ARG A 220 -1.42 32.23 11.71
CA ARG A 220 -2.72 32.62 11.16
C ARG A 220 -2.64 32.81 9.65
N GLY A 221 -1.59 33.48 9.20
CA GLY A 221 -1.38 33.69 7.77
C GLY A 221 -1.02 32.44 7.02
N TYR A 222 -0.15 31.62 7.64
CA TYR A 222 0.26 30.36 7.03
C TYR A 222 -0.98 29.49 6.80
N GLN A 223 -1.85 29.44 7.81
CA GLN A 223 -3.02 28.57 7.78
C GLN A 223 -4.01 29.00 6.69
N ALA A 224 -4.15 30.29 6.49
CA ALA A 224 -5.01 30.81 5.44
C ALA A 224 -4.40 30.58 4.06
N LYS A 225 -3.10 30.79 3.97
CA LYS A 225 -2.36 30.57 2.72
C LYS A 225 -2.24 29.10 2.30
N VAL A 226 -1.81 28.24 3.23
CA VAL A 226 -1.52 26.84 2.90
C VAL A 226 -2.67 25.91 3.25
N ARG A 227 -3.31 25.39 2.21
CA ARG A 227 -4.40 24.45 2.37
C ARG A 227 -3.93 23.20 3.11
N ASN A 228 -4.71 22.75 4.08
CA ASN A 228 -4.41 21.48 4.72
C ASN A 228 -4.82 20.38 3.75
N VAL A 229 -3.85 19.56 3.34
CA VAL A 229 -4.12 18.44 2.44
C VAL A 229 -5.13 17.49 3.06
N ASN A 230 -5.29 17.56 4.38
CA ASN A 230 -6.28 16.74 5.06
C ASN A 230 -7.70 17.25 4.91
N GLY A 231 -7.86 18.50 4.49
CA GLY A 231 -9.21 19.02 4.33
C GLY A 231 -9.33 20.50 4.68
N PHE A 232 -10.21 21.22 3.97
CA PHE A 232 -10.46 22.62 4.28
C PHE A 232 -10.88 22.86 5.71
N ASP A 233 -11.58 21.89 6.33
CA ASP A 233 -12.12 22.12 7.66
C ASP A 233 -11.04 21.98 8.72
N PHE A 234 -9.86 21.53 8.33
CA PHE A 234 -8.77 21.41 9.29
C PHE A 234 -7.70 22.49 9.14
N ILE A 235 -8.12 23.75 9.18
CA ILE A 235 -7.19 24.84 8.90
C ILE A 235 -6.21 25.02 10.04
N GLY A 236 -6.57 24.59 11.24
CA GLY A 236 -5.71 24.74 12.41
C GLY A 236 -6.22 25.83 13.34
N ARG A 237 -5.47 26.10 14.41
CA ARG A 237 -5.82 27.16 15.34
C ARG A 237 -4.59 27.99 15.64
N TRP A 238 -4.61 29.23 15.17
CA TRP A 238 -3.45 30.08 15.31
C TRP A 238 -3.36 30.74 16.68
N ASP A 239 -4.47 30.78 17.40
CA ASP A 239 -4.53 31.50 18.68
C ASP A 239 -3.89 30.72 19.84
N LEU A 240 -2.96 29.83 19.50
CA LEU A 240 -2.17 29.08 20.46
C LEU A 240 -0.77 29.70 20.64
N ILE A 241 -0.34 29.90 21.89
CA ILE A 241 1.03 30.33 22.12
C ILE A 241 1.94 29.11 22.30
N TYR A 242 2.95 28.99 21.45
CA TYR A 242 3.88 27.85 21.50
C TYR A 242 5.26 28.24 22.01
N LYS A 243 5.93 27.30 22.65
CA LYS A 243 7.30 27.47 23.10
C LYS A 243 8.08 26.22 22.67
N THR A 244 9.09 26.40 21.82
CA THR A 244 9.77 25.26 21.22
C THR A 244 11.26 25.26 21.53
N GLU A 245 11.74 24.08 21.91
CA GLU A 245 13.15 23.81 22.13
C GLU A 245 13.53 22.59 21.27
N THR A 246 14.62 22.69 20.52
CA THR A 246 15.16 21.55 19.79
C THR A 246 16.22 20.85 20.64
N LYS A 247 16.09 19.54 20.79
CA LYS A 247 17.05 18.78 21.59
C LYS A 247 17.86 17.89 20.65
N GLU A 248 19.18 18.03 20.69
CA GLU A 248 20.03 17.29 19.77
C GLU A 248 20.65 16.08 20.47
N PHE A 249 20.84 15.01 19.70
CA PHE A 249 21.38 13.76 20.26
C PHE A 249 22.60 13.28 19.46
N ASP A 260 20.93 13.25 15.37
CA ASP A 260 19.55 13.63 15.06
C ASP A 260 18.94 14.44 16.22
N ALA A 261 17.78 15.05 15.97
CA ALA A 261 17.14 15.91 16.96
C ALA A 261 15.60 15.76 17.01
N VAL A 262 15.01 16.11 18.16
CA VAL A 262 13.55 16.16 18.31
C VAL A 262 13.15 17.57 18.76
N ASP A 263 12.03 18.07 18.24
CA ASP A 263 11.51 19.36 18.67
C ASP A 263 10.54 19.19 19.83
N VAL A 264 10.71 19.99 20.87
CA VAL A 264 9.83 19.93 22.02
C VAL A 264 9.01 21.22 22.10
N THR A 265 7.71 21.11 21.85
CA THR A 265 6.84 22.29 21.75
C THR A 265 5.76 22.22 22.81
N GLU A 266 5.68 23.27 23.61
CA GLU A 266 4.64 23.36 24.62
C GLU A 266 3.68 24.47 24.30
N CYS A 267 2.39 24.18 24.35
CA CYS A 267 1.41 25.24 24.33
C CYS A 267 1.36 25.82 25.73
N VAL A 268 1.55 27.14 25.84
CA VAL A 268 1.65 27.77 27.14
C VAL A 268 0.53 28.77 27.42
N GLY A 269 -0.45 28.84 26.53
CA GLY A 269 -1.60 29.73 26.73
C GLY A 269 -2.36 29.97 25.45
N TYR A 270 -3.47 30.70 25.54
CA TYR A 270 -4.19 31.10 24.34
C TYR A 270 -3.78 32.52 24.01
N ALA A 271 -3.66 32.77 22.71
CA ALA A 271 -3.15 34.04 22.19
C ALA A 271 -4.24 35.10 22.13
N LYS A 272 -3.82 36.35 22.39
CA LYS A 272 -4.71 37.50 22.30
C LYS A 272 -5.26 37.68 20.89
N GLU B 18 2.00 7.93 -1.15
CA GLU B 18 2.05 6.55 -1.66
C GLU B 18 3.44 6.11 -2.10
N LYS B 19 3.76 4.86 -1.77
CA LYS B 19 4.95 4.19 -2.29
C LYS B 19 5.06 4.37 -3.81
N GLU B 20 3.93 4.20 -4.52
CA GLU B 20 3.95 4.25 -5.98
C GLU B 20 4.35 5.61 -6.56
N GLN B 21 3.96 6.69 -5.88
CA GLN B 21 4.36 8.04 -6.26
C GLN B 21 5.86 8.29 -6.11
N LEU B 22 6.46 7.73 -5.07
CA LEU B 22 7.92 7.76 -4.88
C LEU B 22 8.65 7.12 -6.05
N PHE B 23 8.15 5.98 -6.51
CA PHE B 23 8.77 5.32 -7.64
C PHE B 23 8.69 6.19 -8.89
N LEU B 24 7.52 6.77 -9.15
CA LEU B 24 7.37 7.67 -10.28
C LEU B 24 8.30 8.87 -10.19
N GLN B 25 8.36 9.49 -9.01
CA GLN B 25 9.25 10.62 -8.78
C GLN B 25 10.69 10.26 -9.10
N HIS B 26 11.11 9.07 -8.65
CA HIS B 26 12.43 8.53 -8.96
C HIS B 26 12.68 8.52 -10.47
N ILE B 27 11.73 7.96 -11.22
CA ILE B 27 11.89 7.84 -12.66
C ILE B 27 11.98 9.22 -13.28
N GLN B 28 11.12 10.13 -12.83
CA GLN B 28 11.09 11.47 -13.38
C GLN B 28 12.35 12.25 -13.02
N ASN B 29 12.96 11.89 -11.90
CA ASN B 29 14.19 12.54 -11.41
C ASN B 29 15.51 11.87 -11.84
N LEU B 30 15.44 10.86 -12.71
CA LEU B 30 16.65 10.28 -13.28
C LEU B 30 17.39 11.31 -14.15
N PRO B 31 18.75 11.24 -14.16
CA PRO B 31 19.53 12.15 -15.00
C PRO B 31 19.14 12.01 -16.47
N GLN B 32 19.35 13.05 -17.25
CA GLN B 32 18.97 13.02 -18.65
C GLN B 32 19.70 11.93 -19.42
N GLU B 33 20.96 11.70 -19.07
CA GLU B 33 21.74 10.65 -19.72
C GLU B 33 21.09 9.27 -19.54
N ARG B 34 20.52 9.03 -18.36
CA ARG B 34 19.86 7.76 -18.08
C ARG B 34 18.55 7.62 -18.85
N LEU B 35 17.73 8.66 -18.81
CA LEU B 35 16.48 8.64 -19.56
C LEU B 35 16.76 8.42 -21.03
N ASP B 36 17.78 9.11 -21.56
CA ASP B 36 18.18 8.92 -22.95
C ASP B 36 18.69 7.50 -23.22
N ALA B 37 19.33 6.91 -22.22
CA ALA B 37 19.82 5.55 -22.39
C ALA B 37 18.68 4.54 -22.49
N ILE B 38 17.60 4.76 -21.75
CA ILE B 38 16.54 3.73 -21.67
C ILE B 38 15.28 4.03 -22.50
N ARG B 39 15.12 5.28 -22.96
CA ARG B 39 13.93 5.67 -23.71
C ARG B 39 13.76 4.82 -24.97
N GLY B 40 12.56 4.28 -25.17
CA GLY B 40 12.27 3.43 -26.31
C GLY B 40 12.86 2.04 -26.22
N HIS B 41 13.34 1.65 -25.04
CA HIS B 41 13.89 0.30 -24.87
C HIS B 41 13.17 -0.43 -23.73
N PRO B 42 12.08 -1.15 -24.06
CA PRO B 42 11.28 -1.81 -23.02
C PRO B 42 12.10 -2.63 -22.03
N GLU B 43 13.05 -3.43 -22.51
CA GLU B 43 13.84 -4.28 -21.62
C GLU B 43 14.66 -3.44 -20.64
N LEU B 44 15.13 -2.30 -21.08
CA LEU B 44 15.89 -1.40 -20.21
C LEU B 44 14.98 -0.66 -19.22
N VAL B 45 13.77 -0.30 -19.64
CA VAL B 45 12.85 0.34 -18.70
C VAL B 45 12.46 -0.67 -17.62
N LEU B 46 12.25 -1.93 -18.02
CA LEU B 46 11.94 -2.98 -17.06
C LEU B 46 13.04 -3.18 -16.00
N LYS B 47 14.30 -3.14 -16.41
CA LYS B 47 15.38 -3.31 -15.45
C LYS B 47 15.42 -2.13 -14.47
N GLU B 48 15.09 -0.92 -14.93
CA GLU B 48 15.00 0.20 -13.98
C GLU B 48 13.94 -0.06 -12.94
N ILE B 49 12.83 -0.67 -13.36
CA ILE B 49 11.76 -0.98 -12.40
C ILE B 49 12.23 -2.07 -11.44
N ASP B 50 12.87 -3.10 -11.99
CA ASP B 50 13.32 -4.26 -11.23
C ASP B 50 14.37 -3.97 -10.17
N GLU B 51 15.23 -3.00 -10.43
CA GLU B 51 16.34 -2.77 -9.53
C GLU B 51 16.08 -1.64 -8.55
N PHE B 52 14.96 -0.97 -8.70
CA PHE B 52 14.59 0.08 -7.75
C PHE B 52 14.33 -0.52 -6.38
N THR B 53 14.81 0.18 -5.37
CA THR B 53 14.54 -0.20 -3.99
C THR B 53 14.00 1.01 -3.25
N TYR B 54 12.92 0.79 -2.51
CA TYR B 54 12.35 1.82 -1.65
C TYR B 54 13.29 2.12 -0.46
N PRO B 55 13.09 3.26 0.21
CA PRO B 55 13.89 3.63 1.38
C PRO B 55 13.96 2.52 2.44
N ASP B 56 12.88 1.76 2.62
CA ASP B 56 12.91 0.67 3.58
C ASP B 56 13.60 -0.59 3.04
N GLY B 57 14.10 -0.54 1.80
CA GLY B 57 14.81 -1.67 1.22
C GLY B 57 13.98 -2.63 0.37
N SER B 58 12.67 -2.40 0.33
CA SER B 58 11.78 -3.25 -0.45
C SER B 58 11.76 -2.83 -1.93
N GLY B 59 11.23 -3.70 -2.79
CA GLY B 59 11.19 -3.42 -4.22
C GLY B 59 9.78 -3.13 -4.71
N VAL B 60 9.68 -2.71 -5.97
CA VAL B 60 8.39 -2.50 -6.62
C VAL B 60 7.63 -3.83 -6.65
N ARG B 61 6.35 -3.80 -6.29
CA ARG B 61 5.57 -5.04 -6.29
C ARG B 61 5.15 -5.39 -7.73
N MET B 62 4.67 -6.62 -7.91
CA MET B 62 4.10 -7.11 -9.17
C MET B 62 5.08 -7.22 -10.36
N CYS B 63 6.39 -7.15 -10.12
CA CYS B 63 7.30 -7.37 -11.24
C CYS B 63 7.27 -8.86 -11.60
N ILE B 64 7.17 -9.15 -12.89
CA ILE B 64 7.13 -10.51 -13.39
C ILE B 64 8.53 -11.13 -13.49
N GLY B 65 8.74 -12.27 -12.81
CA GLY B 65 10.02 -12.96 -12.87
C GLY B 65 10.51 -13.39 -14.25
N ASP B 66 11.80 -13.69 -14.34
CA ASP B 66 12.43 -13.95 -15.62
C ASP B 66 11.86 -15.19 -16.29
N VAL B 67 11.62 -16.23 -15.49
CA VAL B 67 11.19 -17.51 -16.05
C VAL B 67 9.72 -17.43 -16.44
N LYS B 68 8.89 -16.87 -15.57
CA LYS B 68 7.47 -16.72 -15.85
C LYS B 68 7.20 -15.76 -17.00
N GLY B 69 7.85 -14.59 -16.93
CA GLY B 69 7.77 -13.58 -17.98
C GLY B 69 8.20 -14.20 -19.29
N GLY B 70 9.32 -14.91 -19.23
CA GLY B 70 9.87 -15.60 -20.39
C GLY B 70 8.91 -16.64 -20.96
N PHE B 71 8.25 -17.37 -20.07
CA PHE B 71 7.26 -18.37 -20.48
C PHE B 71 6.09 -17.73 -21.24
N ILE B 72 5.58 -16.63 -20.70
CA ILE B 72 4.45 -15.97 -21.34
C ILE B 72 4.87 -15.26 -22.62
N VAL B 73 6.05 -14.63 -22.58
CA VAL B 73 6.62 -14.08 -23.81
C VAL B 73 6.75 -15.17 -24.89
N GLY B 74 7.18 -16.36 -24.50
CA GLY B 74 7.24 -17.49 -25.43
C GLY B 74 5.90 -17.78 -26.10
N LYS B 75 4.83 -17.75 -25.33
CA LYS B 75 3.51 -18.00 -25.91
C LYS B 75 3.13 -16.91 -26.90
N ILE B 76 3.47 -15.67 -26.57
CA ILE B 76 3.13 -14.59 -27.49
C ILE B 76 3.88 -14.75 -28.83
N ARG B 77 5.17 -15.07 -28.74
CA ARG B 77 5.96 -15.21 -29.96
C ARG B 77 5.47 -16.41 -30.77
N GLU B 78 5.08 -17.47 -30.06
CA GLU B 78 4.60 -18.67 -30.73
C GLU B 78 3.26 -18.46 -31.44
N ARG B 79 2.35 -17.76 -30.78
CA ARG B 79 0.96 -17.69 -31.25
C ARG B 79 0.65 -16.41 -32.02
N LYS B 80 1.53 -15.43 -31.90
CA LYS B 80 1.38 -14.13 -32.57
C LYS B 80 -0.02 -13.49 -32.41
N PRO B 81 -0.49 -13.31 -31.15
CA PRO B 81 -1.80 -12.69 -30.96
C PRO B 81 -1.83 -11.25 -31.49
N LYS B 82 -2.88 -10.85 -32.21
CA LYS B 82 -2.99 -9.46 -32.69
C LYS B 82 -3.65 -8.57 -31.65
N ILE B 83 -4.58 -9.12 -30.90
CA ILE B 83 -5.21 -8.35 -29.83
C ILE B 83 -4.95 -9.06 -28.49
N MET B 84 -4.22 -8.41 -27.60
CA MET B 84 -3.98 -8.98 -26.29
C MET B 84 -4.53 -8.03 -25.23
N VAL B 85 -5.20 -8.59 -24.23
CA VAL B 85 -5.82 -7.81 -23.16
C VAL B 85 -5.29 -8.30 -21.83
N GLU B 86 -4.94 -7.39 -20.93
CA GLU B 86 -4.67 -7.82 -19.57
C GLU B 86 -5.68 -7.22 -18.62
N LEU B 87 -6.10 -8.02 -17.66
CA LEU B 87 -6.93 -7.53 -16.57
C LEU B 87 -6.02 -7.24 -15.38
N GLY B 88 -5.81 -5.96 -15.09
CA GLY B 88 -4.90 -5.56 -14.02
C GLY B 88 -3.53 -5.12 -14.54
N GLY B 89 -3.19 -3.84 -14.39
CA GLY B 89 -1.95 -3.30 -14.92
C GLY B 89 -0.86 -2.88 -13.93
N TYR B 90 -1.27 -2.54 -12.72
CA TYR B 90 -0.40 -1.90 -11.70
C TYR B 90 0.43 -0.74 -12.29
N LEU B 91 1.78 -0.86 -12.31
CA LEU B 91 2.58 0.30 -12.74
C LEU B 91 3.17 0.15 -14.15
N GLY B 92 2.71 -0.87 -14.88
CA GLY B 92 3.03 -0.99 -16.29
C GLY B 92 4.04 -2.06 -16.63
N TYR B 93 4.55 -2.78 -15.62
CA TYR B 93 5.57 -3.80 -15.87
C TYR B 93 5.09 -4.82 -16.89
N SER B 94 3.89 -5.40 -16.71
CA SER B 94 3.42 -6.42 -17.64
C SER B 94 3.09 -5.85 -19.03
N ALA B 95 2.47 -4.66 -19.06
CA ALA B 95 2.17 -3.98 -20.33
C ALA B 95 3.43 -3.70 -21.13
N ILE B 96 4.53 -3.37 -20.44
CA ILE B 96 5.80 -3.13 -21.12
C ILE B 96 6.43 -4.44 -21.59
N LEU B 97 6.50 -5.46 -20.73
CA LEU B 97 7.07 -6.75 -21.13
C LEU B 97 6.31 -7.41 -22.29
N PHE B 98 4.99 -7.48 -22.18
CA PHE B 98 4.17 -8.15 -23.20
C PHE B 98 3.84 -7.21 -24.36
N GLY B 99 3.66 -5.92 -24.08
CA GLY B 99 3.44 -4.95 -25.13
C GLY B 99 4.60 -4.89 -26.12
N ASN B 100 5.82 -5.02 -25.59
CA ASN B 100 7.01 -5.09 -26.41
C ASN B 100 6.94 -6.25 -27.40
N GLU B 101 6.40 -7.37 -26.95
CA GLU B 101 6.23 -8.53 -27.82
C GLU B 101 5.16 -8.28 -28.87
N ILE B 102 4.08 -7.62 -28.46
CA ILE B 102 2.99 -7.29 -29.39
C ILE B 102 3.45 -6.31 -30.48
N SER B 103 4.42 -5.44 -30.13
CA SER B 103 5.07 -4.56 -31.10
C SER B 103 5.63 -5.28 -32.33
N LYS B 104 6.15 -6.47 -32.10
CA LYS B 104 6.75 -7.26 -33.17
C LYS B 104 5.70 -7.85 -34.09
N ILE B 105 4.44 -7.84 -33.66
CA ILE B 105 3.36 -8.44 -34.44
C ILE B 105 2.57 -7.37 -35.18
N PRO B 106 2.63 -7.40 -36.53
CA PRO B 106 1.95 -6.40 -37.36
C PRO B 106 0.48 -6.27 -36.99
N GLY B 107 -0.02 -5.04 -36.86
CA GLY B 107 -1.40 -4.83 -36.44
C GLY B 107 -1.66 -5.12 -34.96
N GLY B 108 -0.64 -5.58 -34.23
CA GLY B 108 -0.82 -5.92 -32.82
C GLY B 108 -1.18 -4.75 -31.91
N ARG B 109 -2.12 -5.00 -31.00
CA ARG B 109 -2.52 -4.02 -29.99
C ARG B 109 -2.61 -4.64 -28.59
N TYR B 110 -2.22 -3.88 -27.59
CA TYR B 110 -2.27 -4.32 -26.20
C TYR B 110 -3.17 -3.40 -25.37
N TYR B 111 -4.12 -4.00 -24.65
CA TYR B 111 -5.04 -3.25 -23.81
C TYR B 111 -4.87 -3.66 -22.34
N SER B 112 -4.60 -2.68 -21.50
CA SER B 112 -4.43 -2.91 -20.07
C SER B 112 -5.60 -2.28 -19.33
N LEU B 113 -6.35 -3.11 -18.63
CA LEU B 113 -7.56 -2.66 -17.95
C LEU B 113 -7.27 -2.55 -16.46
N GLU B 114 -7.10 -1.31 -15.99
CA GLU B 114 -6.66 -1.05 -14.62
C GLU B 114 -7.67 -0.18 -13.87
N VAL B 115 -8.08 -0.62 -12.68
CA VAL B 115 -9.13 0.09 -11.95
C VAL B 115 -8.61 1.30 -11.19
N ASN B 116 -7.38 1.23 -10.71
CA ASN B 116 -6.81 2.31 -9.91
C ASN B 116 -6.23 3.41 -10.80
N GLU B 117 -6.88 4.57 -10.80
CA GLU B 117 -6.45 5.67 -11.66
C GLU B 117 -5.04 6.16 -11.33
N ASP B 118 -4.66 6.15 -10.06
CA ASP B 118 -3.33 6.61 -9.67
C ASP B 118 -2.26 5.71 -10.29
N TYR B 119 -2.44 4.39 -10.17
CA TYR B 119 -1.54 3.41 -10.76
C TYR B 119 -1.50 3.57 -12.30
N ALA B 120 -2.67 3.67 -12.91
CA ALA B 120 -2.78 3.80 -14.36
C ALA B 120 -2.00 4.99 -14.92
N LYS B 121 -2.08 6.13 -14.24
CA LYS B 121 -1.38 7.34 -14.69
C LYS B 121 0.14 7.13 -14.69
N ILE B 122 0.62 6.40 -13.69
CA ILE B 122 2.04 6.07 -13.55
C ILE B 122 2.45 5.09 -14.65
N ALA B 123 1.64 4.04 -14.82
CA ALA B 123 1.86 3.05 -15.87
C ALA B 123 1.92 3.73 -17.25
N TYR B 124 1.04 4.69 -17.46
CA TYR B 124 1.04 5.44 -18.71
C TYR B 124 2.41 6.09 -18.98
N GLU B 125 3.00 6.66 -17.94
CA GLU B 125 4.29 7.32 -18.11
C GLU B 125 5.40 6.33 -18.42
N LEU B 126 5.39 5.17 -17.75
CA LEU B 126 6.43 4.17 -17.97
C LEU B 126 6.28 3.50 -19.34
N VAL B 127 5.03 3.22 -19.73
CA VAL B 127 4.75 2.66 -21.05
C VAL B 127 5.24 3.64 -22.13
N LYS B 128 4.96 4.92 -21.96
CA LYS B 128 5.43 5.94 -22.90
C LYS B 128 6.96 6.02 -22.95
N LEU B 129 7.62 6.01 -21.80
CA LEU B 129 9.09 6.02 -21.75
C LEU B 129 9.66 4.81 -22.50
N ALA B 130 8.96 3.68 -22.44
CA ALA B 130 9.36 2.47 -23.12
C ALA B 130 9.14 2.56 -24.62
N GLY B 131 8.48 3.63 -25.08
CA GLY B 131 8.23 3.79 -26.51
C GLY B 131 7.01 3.04 -27.03
N LEU B 132 6.13 2.61 -26.13
CA LEU B 132 5.04 1.71 -26.49
C LEU B 132 3.68 2.39 -26.56
N ASP B 133 3.68 3.71 -26.52
CA ASP B 133 2.46 4.51 -26.46
C ASP B 133 1.48 4.25 -27.63
N GLU B 134 1.99 3.98 -28.83
CA GLU B 134 1.11 3.74 -29.99
C GLU B 134 0.51 2.33 -30.02
N ILE B 135 1.06 1.42 -29.23
CA ILE B 135 0.66 0.01 -29.21
C ILE B 135 -0.17 -0.37 -27.97
N VAL B 136 0.18 0.24 -26.84
CA VAL B 136 -0.43 -0.08 -25.56
C VAL B 136 -1.46 0.99 -25.19
N THR B 137 -2.69 0.55 -24.91
CA THR B 137 -3.74 1.45 -24.43
C THR B 137 -4.19 1.04 -23.02
N ILE B 138 -4.10 1.95 -22.06
CA ILE B 138 -4.54 1.64 -20.70
C ILE B 138 -5.97 2.16 -20.49
N MET B 139 -6.88 1.26 -20.11
CA MET B 139 -8.28 1.65 -19.88
C MET B 139 -8.55 1.70 -18.39
N ILE B 140 -8.99 2.86 -17.92
CA ILE B 140 -9.22 3.11 -16.50
C ILE B 140 -10.64 2.73 -16.12
N GLY B 141 -10.79 1.93 -15.08
CA GLY B 141 -12.11 1.55 -14.62
C GLY B 141 -12.15 0.08 -14.24
N LYS B 142 -13.31 -0.38 -13.79
CA LYS B 142 -13.49 -1.80 -13.49
C LYS B 142 -13.35 -2.59 -14.80
N ALA B 143 -12.62 -3.70 -14.75
CA ALA B 143 -12.39 -4.52 -15.94
C ALA B 143 -13.70 -4.91 -16.61
N CYS B 144 -14.71 -5.27 -15.82
CA CYS B 144 -16.00 -5.69 -16.40
C CYS B 144 -16.63 -4.57 -17.25
N ASP B 145 -16.52 -3.32 -16.79
CA ASP B 145 -17.03 -2.19 -17.57
C ASP B 145 -16.19 -1.93 -18.81
N SER B 146 -14.86 -1.95 -18.65
CA SER B 146 -13.98 -1.68 -19.79
C SER B 146 -14.10 -2.74 -20.88
N LEU B 147 -14.36 -3.97 -20.47
CA LEU B 147 -14.49 -5.06 -21.45
C LEU B 147 -15.69 -4.82 -22.37
N VAL B 148 -16.79 -4.35 -21.78
CA VAL B 148 -17.97 -3.99 -22.55
C VAL B 148 -17.62 -2.88 -23.54
N GLU B 149 -16.91 -1.87 -23.06
CA GLU B 149 -16.52 -0.72 -23.90
C GLU B 149 -15.54 -1.16 -24.99
N LEU B 150 -14.55 -1.96 -24.60
CA LEU B 150 -13.58 -2.45 -25.57
C LEU B 150 -14.25 -3.28 -26.69
N GLN B 151 -15.21 -4.12 -26.33
CA GLN B 151 -15.89 -4.95 -27.32
C GLN B 151 -16.58 -4.12 -28.40
N GLN B 152 -17.33 -3.12 -27.97
CA GLN B 152 -18.02 -2.21 -28.88
C GLN B 152 -17.01 -1.44 -29.75
N LYS B 153 -15.88 -1.09 -29.14
CA LYS B 153 -14.84 -0.30 -29.81
C LYS B 153 -14.08 -1.13 -30.86
N LEU B 154 -13.96 -2.43 -30.64
CA LEU B 154 -13.28 -3.26 -31.62
C LEU B 154 -14.28 -3.60 -32.74
N LEU B 155 -15.55 -3.79 -32.37
CA LEU B 155 -16.63 -4.01 -33.32
C LEU B 155 -16.82 -2.84 -34.28
N HIS B 156 -16.69 -1.63 -33.74
CA HIS B 156 -16.92 -0.40 -34.48
C HIS B 156 -15.84 -0.11 -35.53
N LYS B 157 -14.66 -0.69 -35.37
CA LYS B 157 -13.62 -0.53 -36.39
C LYS B 157 -14.07 -1.20 -37.70
N ASP B 158 -15.07 -2.08 -37.61
CA ASP B 158 -15.62 -2.81 -38.75
C ASP B 158 -14.50 -3.56 -39.49
N LEU B 159 -13.72 -4.30 -38.72
CA LEU B 159 -12.66 -5.12 -39.30
C LEU B 159 -13.01 -6.58 -39.03
N GLY B 160 -14.29 -6.82 -38.76
CA GLY B 160 -14.83 -8.14 -38.51
C GLY B 160 -14.40 -8.73 -37.18
N PHE B 161 -14.24 -7.88 -36.18
CA PHE B 161 -13.78 -8.34 -34.87
C PHE B 161 -14.72 -9.35 -34.26
N GLN B 162 -14.15 -10.38 -33.65
CA GLN B 162 -14.95 -11.38 -32.93
C GLN B 162 -14.38 -11.71 -31.55
N ALA B 163 -13.23 -12.38 -31.52
CA ALA B 163 -12.62 -12.81 -30.27
C ALA B 163 -11.28 -12.17 -30.01
N LEU B 164 -10.88 -12.14 -28.74
CA LEU B 164 -9.55 -11.71 -28.33
C LEU B 164 -8.61 -12.88 -28.57
N ASP B 165 -7.37 -12.61 -28.96
CA ASP B 165 -6.43 -13.70 -29.19
C ASP B 165 -5.76 -14.22 -27.91
N MET B 166 -5.43 -13.30 -27.01
CA MET B 166 -4.79 -13.68 -25.75
C MET B 166 -5.23 -12.74 -24.61
N VAL B 167 -5.46 -13.32 -23.44
CA VAL B 167 -5.88 -12.56 -22.25
C VAL B 167 -4.98 -12.91 -21.07
N PHE B 168 -4.37 -11.90 -20.47
CA PHE B 168 -3.55 -12.07 -19.27
C PHE B 168 -4.39 -11.64 -18.07
N ILE B 169 -4.71 -12.59 -17.19
CA ILE B 169 -5.58 -12.27 -16.06
C ILE B 169 -4.73 -12.11 -14.79
N ASP B 170 -4.71 -10.90 -14.26
CA ASP B 170 -3.72 -10.54 -13.26
C ASP B 170 -4.25 -9.53 -12.24
N HIS B 171 -5.56 -9.48 -12.02
CA HIS B 171 -6.03 -8.51 -11.05
C HIS B 171 -6.47 -9.21 -9.74
N TRP B 172 -7.56 -8.77 -9.12
CA TRP B 172 -7.93 -9.36 -7.84
C TRP B 172 -8.60 -10.72 -8.02
N LYS B 173 -8.11 -11.71 -7.26
CA LYS B 173 -8.49 -13.13 -7.46
C LYS B 173 -9.99 -13.42 -7.44
N ASP B 174 -10.74 -12.67 -6.63
CA ASP B 174 -12.17 -12.92 -6.52
C ASP B 174 -12.89 -12.46 -7.79
N LEU B 175 -12.17 -11.77 -8.67
CA LEU B 175 -12.78 -11.32 -9.92
C LEU B 175 -12.36 -12.16 -11.15
N TYR B 176 -11.51 -13.17 -10.95
CA TYR B 176 -11.06 -13.98 -12.10
C TYR B 176 -12.24 -14.63 -12.85
N VAL B 177 -13.03 -15.43 -12.15
CA VAL B 177 -14.15 -16.08 -12.83
C VAL B 177 -15.26 -15.10 -13.24
N PRO B 178 -15.66 -14.15 -12.35
CA PRO B 178 -16.69 -13.19 -12.80
C PRO B 178 -16.33 -12.44 -14.09
N ASP B 179 -15.09 -11.96 -14.21
CA ASP B 179 -14.69 -11.20 -15.39
C ASP B 179 -14.45 -12.12 -16.60
N LEU B 180 -13.94 -13.32 -16.37
CA LEU B 180 -13.87 -14.29 -17.46
C LEU B 180 -15.26 -14.51 -18.05
N ARG B 181 -16.25 -14.61 -17.16
CA ARG B 181 -17.61 -14.85 -17.61
C ARG B 181 -18.17 -13.66 -18.41
N VAL B 182 -17.76 -12.45 -18.06
CA VAL B 182 -18.10 -11.26 -18.88
C VAL B 182 -17.51 -11.40 -20.30
N ILE B 183 -16.22 -11.73 -20.38
CA ILE B 183 -15.56 -11.94 -21.66
C ILE B 183 -16.28 -13.01 -22.47
N GLU B 184 -16.62 -14.13 -21.81
CA GLU B 184 -17.37 -15.21 -22.47
C GLU B 184 -18.70 -14.71 -23.01
N SER B 185 -19.42 -13.99 -22.16
CA SER B 185 -20.74 -13.45 -22.48
C SER B 185 -20.70 -12.47 -23.63
N LEU B 186 -19.57 -11.78 -23.77
CA LEU B 186 -19.38 -10.85 -24.88
C LEU B 186 -18.92 -11.55 -26.16
N ASN B 187 -18.89 -12.89 -26.15
CA ASN B 187 -18.38 -13.68 -27.29
C ASN B 187 -16.97 -13.31 -27.71
N MET B 188 -16.13 -12.99 -26.74
CA MET B 188 -14.78 -12.60 -27.05
C MET B 188 -13.78 -13.75 -26.85
N ILE B 189 -14.31 -14.94 -26.57
CA ILE B 189 -13.49 -16.16 -26.56
C ILE B 189 -13.95 -17.13 -27.66
N ALA B 190 -13.02 -17.56 -28.50
CA ALA B 190 -13.33 -18.46 -29.61
C ALA B 190 -12.15 -19.42 -29.72
N PRO B 191 -12.26 -20.48 -30.53
CA PRO B 191 -11.09 -21.36 -30.68
C PRO B 191 -9.81 -20.61 -31.04
N GLY B 192 -8.74 -20.90 -30.31
CA GLY B 192 -7.50 -20.15 -30.53
C GLY B 192 -7.27 -19.04 -29.51
N THR B 193 -8.31 -18.63 -28.82
CA THR B 193 -8.14 -17.68 -27.72
C THR B 193 -7.38 -18.36 -26.59
N LEU B 194 -6.34 -17.70 -26.10
CA LEU B 194 -5.58 -18.22 -24.97
C LEU B 194 -5.76 -17.33 -23.73
N LEU B 195 -6.01 -17.98 -22.59
CA LEU B 195 -6.10 -17.31 -21.29
C LEU B 195 -4.87 -17.68 -20.47
N VAL B 196 -4.20 -16.68 -19.93
CA VAL B 196 -3.06 -16.90 -19.05
C VAL B 196 -3.33 -16.23 -17.71
N ALA B 197 -3.57 -17.03 -16.68
CA ALA B 197 -3.95 -16.47 -15.37
C ALA B 197 -2.85 -16.69 -14.34
N ASP B 198 -2.43 -15.59 -13.71
CA ASP B 198 -1.33 -15.58 -12.76
C ASP B 198 -1.78 -15.91 -11.34
N ASN B 199 -0.83 -16.35 -10.51
CA ASN B 199 -1.07 -16.53 -9.07
C ASN B 199 -2.16 -17.53 -8.76
N ILE B 200 -2.13 -18.68 -9.44
CA ILE B 200 -3.20 -19.67 -9.29
C ILE B 200 -3.20 -20.32 -7.90
N ILE B 201 -2.02 -20.56 -7.35
CA ILE B 201 -1.90 -21.20 -6.05
C ILE B 201 -1.68 -20.18 -4.92
N THR B 202 -0.83 -19.19 -5.16
CA THR B 202 -0.44 -18.22 -4.14
C THR B 202 -0.76 -16.78 -4.54
N PRO B 203 -1.67 -16.10 -3.78
CA PRO B 203 -2.43 -16.59 -2.63
C PRO B 203 -3.48 -17.64 -3.01
N GLY B 204 -3.84 -17.64 -4.29
CA GLY B 204 -4.76 -18.62 -4.82
C GLY B 204 -5.96 -18.04 -5.52
N ALA B 205 -6.40 -18.74 -6.56
CA ALA B 205 -7.66 -18.47 -7.22
C ALA B 205 -8.27 -19.82 -7.50
N PRO B 206 -8.77 -20.49 -6.44
CA PRO B 206 -9.24 -21.87 -6.54
C PRO B 206 -10.47 -21.99 -7.41
N GLU B 207 -11.33 -20.99 -7.34
CA GLU B 207 -12.53 -20.95 -8.17
C GLU B 207 -12.16 -20.98 -9.65
N TYR B 208 -11.25 -20.11 -10.05
CA TYR B 208 -10.82 -20.04 -11.44
C TYR B 208 -10.21 -21.35 -11.89
N HIS B 209 -9.31 -21.88 -11.08
CA HIS B 209 -8.62 -23.12 -11.43
C HIS B 209 -9.60 -24.27 -11.66
N LYS B 210 -10.65 -24.33 -10.84
CA LYS B 210 -11.72 -25.31 -11.04
C LYS B 210 -12.52 -25.02 -12.30
N TYR B 211 -12.94 -23.76 -12.46
CA TYR B 211 -13.74 -23.33 -13.61
C TYR B 211 -13.11 -23.72 -14.96
N VAL B 212 -11.84 -23.37 -15.16
CA VAL B 212 -11.23 -23.60 -16.48
C VAL B 212 -10.82 -25.05 -16.69
N ASN B 213 -10.89 -25.85 -15.63
CA ASN B 213 -10.67 -27.27 -15.73
C ASN B 213 -12.01 -28.00 -15.74
N MET B 214 -13.09 -27.25 -15.56
CA MET B 214 -14.42 -27.85 -15.66
C MET B 214 -14.79 -28.18 -17.10
N SER B 215 -15.58 -29.23 -17.26
CA SER B 215 -16.17 -29.60 -18.54
C SER B 215 -17.29 -28.62 -18.91
N PRO B 216 -17.69 -28.62 -20.20
CA PRO B 216 -18.86 -27.82 -20.58
C PRO B 216 -20.12 -28.16 -19.79
N GLU B 217 -20.40 -29.44 -19.57
CA GLU B 217 -21.59 -29.78 -18.78
C GLU B 217 -21.42 -29.28 -17.36
N GLU B 218 -20.22 -29.43 -16.81
CA GLU B 218 -19.93 -28.94 -15.47
C GLU B 218 -20.07 -27.42 -15.37
N ARG B 219 -19.53 -26.68 -16.35
CA ARG B 219 -19.62 -25.22 -16.28
C ARG B 219 -21.08 -24.76 -16.47
N ARG B 220 -21.87 -25.53 -17.20
CA ARG B 220 -23.27 -25.21 -17.40
C ARG B 220 -24.03 -25.21 -16.07
N GLY B 221 -23.76 -26.21 -15.25
CA GLY B 221 -24.36 -26.31 -13.92
C GLY B 221 -23.81 -25.24 -13.00
N TYR B 222 -22.50 -24.99 -13.12
CA TYR B 222 -21.85 -23.98 -12.31
C TYR B 222 -22.47 -22.60 -12.57
N GLN B 223 -22.71 -22.30 -13.85
CA GLN B 223 -23.20 -20.99 -14.24
C GLN B 223 -24.61 -20.74 -13.70
N ALA B 224 -25.44 -21.78 -13.67
CA ALA B 224 -26.79 -21.65 -13.15
C ALA B 224 -26.79 -21.47 -11.64
N LYS B 225 -25.94 -22.24 -10.96
CA LYS B 225 -25.82 -22.16 -9.51
C LYS B 225 -25.21 -20.84 -9.02
N VAL B 226 -24.10 -20.45 -9.65
CA VAL B 226 -23.34 -19.29 -9.18
C VAL B 226 -23.61 -18.02 -9.99
N ARG B 227 -24.31 -17.10 -9.36
CA ARG B 227 -24.62 -15.81 -9.92
C ARG B 227 -23.35 -14.98 -10.18
N ASN B 228 -23.24 -14.33 -11.35
CA ASN B 228 -22.08 -13.45 -11.60
C ASN B 228 -22.25 -12.12 -10.86
N VAL B 229 -21.36 -11.87 -9.90
CA VAL B 229 -21.41 -10.64 -9.12
C VAL B 229 -21.28 -9.35 -9.97
N ASN B 230 -20.70 -9.47 -11.17
CA ASN B 230 -20.58 -8.33 -12.09
C ASN B 230 -21.90 -8.03 -12.80
N GLY B 231 -22.83 -8.97 -12.73
CA GLY B 231 -24.12 -8.80 -13.35
C GLY B 231 -24.69 -10.14 -13.73
N PHE B 232 -25.98 -10.29 -13.44
CA PHE B 232 -26.71 -11.52 -13.64
C PHE B 232 -26.68 -11.93 -15.10
N ASP B 233 -26.68 -10.93 -15.97
CA ASP B 233 -26.77 -11.13 -17.40
C ASP B 233 -25.45 -11.58 -18.07
N PHE B 234 -24.36 -11.54 -17.32
CA PHE B 234 -23.06 -12.00 -17.82
C PHE B 234 -22.85 -13.42 -17.30
N ILE B 235 -23.74 -14.32 -17.69
CA ILE B 235 -23.78 -15.66 -17.13
C ILE B 235 -22.59 -16.51 -17.58
N GLY B 236 -22.01 -16.15 -18.71
CA GLY B 236 -20.87 -16.89 -19.25
C GLY B 236 -21.32 -17.72 -20.44
N ARG B 237 -20.43 -18.54 -20.99
CA ARG B 237 -20.82 -19.42 -22.08
C ARG B 237 -20.29 -20.81 -21.84
N TRP B 238 -21.17 -21.71 -21.45
CA TRP B 238 -20.71 -23.01 -20.98
C TRP B 238 -20.32 -23.92 -22.13
N ASP B 239 -20.78 -23.62 -23.34
CA ASP B 239 -20.46 -24.51 -24.44
C ASP B 239 -19.06 -24.28 -25.00
N LEU B 240 -18.21 -23.55 -24.28
CA LEU B 240 -16.84 -23.39 -24.76
C LEU B 240 -16.05 -24.57 -24.28
N ILE B 241 -15.30 -25.19 -25.19
CA ILE B 241 -14.41 -26.26 -24.80
C ILE B 241 -13.02 -25.67 -24.53
N TYR B 242 -12.54 -25.90 -23.30
CA TYR B 242 -11.26 -25.39 -22.82
C TYR B 242 -10.25 -26.51 -22.65
N LYS B 243 -8.97 -26.18 -22.84
CA LYS B 243 -7.89 -27.11 -22.57
C LYS B 243 -6.89 -26.37 -21.70
N THR B 244 -6.64 -26.88 -20.50
CA THR B 244 -5.86 -26.13 -19.53
C THR B 244 -4.66 -26.93 -19.06
N GLU B 245 -3.52 -26.23 -18.98
CA GLU B 245 -2.29 -26.73 -18.39
C GLU B 245 -1.90 -25.77 -17.29
N THR B 246 -1.53 -26.31 -16.14
CA THR B 246 -0.94 -25.49 -15.08
C THR B 246 0.58 -25.49 -15.20
N LYS B 247 1.18 -24.31 -15.24
CA LYS B 247 2.63 -24.22 -15.34
C LYS B 247 3.18 -23.71 -14.03
N GLU B 248 4.10 -24.49 -13.45
CA GLU B 248 4.66 -24.16 -12.15
C GLU B 248 6.07 -23.57 -12.27
N PHE B 249 6.41 -22.67 -11.37
CA PHE B 249 7.71 -22.00 -11.43
C PHE B 249 8.51 -22.13 -10.12
N GLU B 250 9.61 -22.88 -10.21
CA GLU B 250 10.53 -23.08 -9.10
C GLU B 250 11.57 -21.95 -9.08
N ASP B 260 3.96 -21.16 -6.79
CA ASP B 260 3.97 -20.22 -7.91
C ASP B 260 3.56 -20.90 -9.22
N ALA B 261 2.31 -20.75 -9.63
CA ALA B 261 1.83 -21.42 -10.83
C ALA B 261 0.95 -20.51 -11.67
N VAL B 262 0.92 -20.79 -12.97
CA VAL B 262 0.06 -20.09 -13.91
C VAL B 262 -0.85 -21.08 -14.66
N ASP B 263 -2.13 -20.73 -14.83
CA ASP B 263 -3.00 -21.58 -15.65
C ASP B 263 -3.03 -21.04 -17.07
N VAL B 264 -2.81 -21.95 -18.02
CA VAL B 264 -2.78 -21.62 -19.45
C VAL B 264 -3.95 -22.37 -20.08
N THR B 265 -4.93 -21.62 -20.58
CA THR B 265 -6.18 -22.22 -21.06
C THR B 265 -6.45 -21.83 -22.51
N GLU B 266 -6.63 -22.81 -23.40
CA GLU B 266 -6.95 -22.47 -24.78
C GLU B 266 -8.38 -22.89 -25.06
N CYS B 267 -9.16 -22.01 -25.67
CA CYS B 267 -10.44 -22.47 -26.20
C CYS B 267 -10.16 -23.29 -27.44
N VAL B 268 -10.65 -24.53 -27.47
CA VAL B 268 -10.30 -25.42 -28.57
C VAL B 268 -11.51 -25.89 -29.38
N GLY B 269 -12.70 -25.38 -29.05
CA GLY B 269 -13.89 -25.75 -29.78
C GLY B 269 -15.19 -25.40 -29.07
N TYR B 270 -16.31 -25.68 -29.72
CA TYR B 270 -17.64 -25.53 -29.12
C TYR B 270 -18.31 -26.89 -28.84
N ALA B 271 -19.05 -27.00 -27.75
CA ALA B 271 -19.62 -28.30 -27.38
C ALA B 271 -20.89 -28.58 -28.20
#